data_2IO3
#
_entry.id   2IO3
#
_cell.length_a   164.056
_cell.length_b   164.056
_cell.length_c   78.094
_cell.angle_alpha   90.00
_cell.angle_beta   90.00
_cell.angle_gamma   120.00
#
_symmetry.space_group_name_H-M   'P 64 2 2'
#
loop_
_entity.id
_entity.type
_entity.pdbx_description
1 polymer 'Sentrin-specific protease 2'
2 polymer 'Small ubiquitin-related modifier 2'
3 polymer 'Ran GTPase-activating protein 1'
#
loop_
_entity_poly.entity_id
_entity_poly.type
_entity_poly.pdbx_seq_one_letter_code
_entity_poly.pdbx_strand_id
1 'polypeptide(L)'
;GSHMASDLLELTEDMEKEISNALGHGPQDEILSSAFKLRITRGDIQTLKNYHWLNDEVINFYMNLLVERNKKQGYPALHV
FSTFFYPKLKSGGYQAVKRWTKGVNLFEQEIILVPIHRKVHWSLVVIDLRKKCLKYLDSMGQKGHRICEILLQYLQDESK
TKRNSDLNLLEWTHHSMKPHEIPQQLNGSDSGMFTCKYADYISRDKPITFTQHQMPLFRKKMVWEILHQQLL
;
A
2 'polypeptide(L)'
;MANDHINLKVAGQDGSVVQFKIKRHTPLSKLMKAYCERQGLSMRQIRFRFDGQPINETDTPAQLEMEDEDTIDVFQQQTG
G
;
B
3 'polypeptide(L)'
;SLNTGEPAPVLSSPPPADVSTFLAFPSPEKLLRLGPKSSVLIAQQTDTSDPEKVVSAFLKVSSVFKDEATVRMAVQDAVD
ALMQKAFNSSSFNSNTFLTRLLVHMGLLKSEDKVKAIANLYGPLMALNHMVQQDYFPKALAPLLLAFVTKPNSALESSSF
ARHSLLQTLYKV
;
C
#
# COMPACT_ATOMS: atom_id res chain seq x y z
N LEU A 9 24.61 -5.55 -13.40
CA LEU A 9 25.76 -6.28 -12.78
C LEU A 9 25.66 -7.80 -12.91
N GLU A 10 25.64 -8.45 -11.74
CA GLU A 10 25.62 -9.91 -11.53
C GLU A 10 24.40 -10.77 -11.87
N LEU A 11 24.70 -12.05 -12.15
CA LEU A 11 23.72 -13.02 -12.62
C LEU A 11 24.16 -14.50 -12.51
N THR A 12 24.77 -14.94 -11.41
CA THR A 12 25.23 -16.33 -11.35
C THR A 12 24.22 -17.35 -11.85
N GLU A 13 24.39 -17.78 -13.10
CA GLU A 13 23.47 -18.73 -13.71
C GLU A 13 23.03 -19.84 -12.75
N ASP A 14 23.87 -20.14 -11.76
CA ASP A 14 23.53 -21.16 -10.78
C ASP A 14 22.68 -20.53 -9.68
N MET A 15 23.04 -19.32 -9.29
CA MET A 15 22.29 -18.58 -8.28
C MET A 15 20.90 -18.33 -8.86
N GLU A 16 20.78 -18.47 -10.18
CA GLU A 16 19.49 -18.27 -10.83
C GLU A 16 18.59 -19.47 -10.57
N LYS A 17 19.12 -20.68 -10.67
CA LYS A 17 18.32 -21.87 -10.41
C LYS A 17 18.14 -22.12 -8.92
N GLU A 18 18.28 -21.06 -8.14
CA GLU A 18 18.09 -21.13 -6.70
C GLU A 18 16.88 -20.24 -6.48
N ILE A 19 16.54 -19.53 -7.54
CA ILE A 19 15.41 -18.60 -7.60
C ILE A 19 14.18 -19.32 -8.18
N SER A 20 14.28 -19.77 -9.43
CA SER A 20 13.17 -20.48 -10.05
C SER A 20 12.74 -21.62 -9.14
N ASN A 21 13.58 -21.94 -8.16
CA ASN A 21 13.31 -23.01 -7.20
C ASN A 21 12.45 -22.53 -6.03
N ALA A 22 12.59 -21.26 -5.66
CA ALA A 22 11.81 -20.70 -4.56
C ALA A 22 10.54 -19.99 -5.05
N LEU A 23 10.43 -19.82 -6.36
CA LEU A 23 9.26 -19.21 -6.97
C LEU A 23 8.66 -20.37 -7.73
N GLY A 24 8.87 -21.56 -7.16
CA GLY A 24 8.41 -22.77 -7.80
C GLY A 24 7.33 -23.63 -7.19
N HIS A 25 7.25 -24.83 -7.76
CA HIS A 25 6.26 -25.81 -7.39
C HIS A 25 6.50 -26.61 -6.13
N GLY A 26 5.39 -26.83 -5.44
CA GLY A 26 5.42 -27.55 -4.21
C GLY A 26 4.68 -26.70 -3.22
N PRO A 27 4.88 -26.97 -1.93
CA PRO A 27 4.28 -26.29 -0.77
C PRO A 27 4.17 -24.79 -0.93
N GLN A 28 3.05 -24.27 -0.42
CA GLN A 28 2.73 -22.84 -0.46
C GLN A 28 3.03 -22.27 0.92
N ASP A 29 3.12 -23.16 1.91
CA ASP A 29 3.42 -22.72 3.25
C ASP A 29 4.81 -23.23 3.66
N GLU A 30 5.59 -23.64 2.66
CA GLU A 30 6.96 -24.16 2.85
C GLU A 30 7.98 -23.06 3.13
N ILE A 31 8.49 -23.01 4.37
CA ILE A 31 9.47 -22.00 4.77
C ILE A 31 10.74 -22.02 3.90
N LEU A 32 11.37 -20.85 3.72
CA LEU A 32 12.57 -20.73 2.91
C LEU A 32 13.47 -19.60 3.42
N SER A 33 13.28 -19.23 4.67
CA SER A 33 14.06 -18.17 5.29
C SER A 33 13.50 -17.95 6.67
N SER A 34 14.22 -17.22 7.50
CA SER A 34 13.80 -16.97 8.85
C SER A 34 14.71 -15.88 9.38
N ALA A 35 14.16 -15.00 10.22
CA ALA A 35 14.93 -13.90 10.81
C ALA A 35 14.01 -12.86 11.44
N PHE A 36 14.60 -12.01 12.29
CA PHE A 36 13.89 -10.96 13.01
C PHE A 36 12.46 -11.39 13.35
N LYS A 37 12.32 -12.69 13.62
CA LYS A 37 11.04 -13.32 13.96
C LYS A 37 10.01 -13.33 12.83
N LEU A 38 10.47 -13.66 11.63
CA LEU A 38 9.62 -13.71 10.45
C LEU A 38 9.96 -14.95 9.62
N ARG A 39 8.94 -15.59 9.05
CA ARG A 39 9.17 -16.79 8.23
C ARG A 39 8.59 -16.64 6.82
N ILE A 40 9.44 -16.29 5.87
CA ILE A 40 9.04 -16.12 4.48
C ILE A 40 8.80 -17.48 3.80
N THR A 41 7.54 -17.83 3.54
CA THR A 41 7.25 -19.11 2.91
C THR A 41 7.18 -18.99 1.41
N ARG A 42 7.05 -20.14 0.74
CA ARG A 42 6.94 -20.23 -0.71
C ARG A 42 5.67 -19.51 -1.16
N GLY A 43 4.93 -18.98 -0.20
CA GLY A 43 3.71 -18.26 -0.50
C GLY A 43 4.05 -16.79 -0.53
N ASP A 44 4.60 -16.31 0.59
CA ASP A 44 4.98 -14.91 0.68
C ASP A 44 5.93 -14.61 -0.46
N ILE A 45 7.09 -15.25 -0.42
CA ILE A 45 8.12 -15.05 -1.43
C ILE A 45 7.61 -14.94 -2.86
N GLN A 46 6.56 -15.69 -3.19
CA GLN A 46 6.02 -15.67 -4.55
C GLN A 46 5.40 -14.34 -4.98
N THR A 47 5.18 -13.44 -4.03
CA THR A 47 4.60 -12.16 -4.37
C THR A 47 5.66 -11.34 -5.11
N LEU A 48 6.90 -11.83 -5.09
CA LEU A 48 7.98 -11.12 -5.74
C LEU A 48 8.07 -11.45 -7.22
N LYS A 49 7.16 -12.28 -7.71
CA LYS A 49 7.17 -12.65 -9.12
C LYS A 49 6.83 -11.43 -9.96
N ASN A 50 6.83 -11.62 -11.27
CA ASN A 50 6.52 -10.52 -12.18
C ASN A 50 5.07 -10.12 -12.04
N TYR A 51 4.83 -8.83 -12.02
CA TYR A 51 3.47 -8.32 -11.95
C TYR A 51 2.71 -8.68 -10.68
N HIS A 52 3.29 -9.57 -9.88
CA HIS A 52 2.67 -9.98 -8.64
C HIS A 52 2.82 -8.88 -7.58
N TRP A 53 1.76 -8.71 -6.79
CA TRP A 53 1.70 -7.70 -5.72
C TRP A 53 2.37 -8.23 -4.44
N LEU A 54 3.39 -7.51 -3.94
CA LEU A 54 4.12 -7.95 -2.75
C LEU A 54 3.36 -7.85 -1.43
N ASN A 55 3.67 -8.74 -0.49
CA ASN A 55 3.01 -8.73 0.81
C ASN A 55 3.75 -7.90 1.84
N ASP A 56 3.44 -8.19 3.11
CA ASP A 56 3.99 -7.48 4.25
C ASP A 56 5.10 -8.22 4.96
N GLU A 57 5.39 -9.43 4.50
CA GLU A 57 6.47 -10.19 5.11
C GLU A 57 7.61 -9.84 4.17
N VAL A 58 7.42 -10.14 2.89
CA VAL A 58 8.41 -9.83 1.87
C VAL A 58 8.97 -8.43 2.09
N ILE A 59 8.10 -7.50 2.46
CA ILE A 59 8.54 -6.13 2.71
C ILE A 59 9.06 -5.95 4.13
N ASN A 60 8.40 -6.57 5.09
CA ASN A 60 8.86 -6.40 6.46
C ASN A 60 10.19 -7.09 6.71
N PHE A 61 10.64 -7.85 5.72
CA PHE A 61 11.90 -8.56 5.83
C PHE A 61 12.99 -7.73 5.15
N TYR A 62 12.85 -7.47 3.84
CA TYR A 62 13.84 -6.67 3.13
C TYR A 62 13.99 -5.34 3.85
N MET A 63 13.06 -5.04 4.74
CA MET A 63 13.15 -3.78 5.47
C MET A 63 14.02 -3.99 6.71
N ASN A 64 14.27 -5.25 7.07
CA ASN A 64 15.11 -5.55 8.23
C ASN A 64 16.51 -5.96 7.77
N LEU A 65 16.61 -6.42 6.52
CA LEU A 65 17.92 -6.77 5.97
C LEU A 65 18.60 -5.43 5.78
N LEU A 66 17.80 -4.37 5.73
CA LEU A 66 18.38 -3.06 5.57
C LEU A 66 19.11 -2.65 6.84
N VAL A 67 18.49 -2.86 7.99
CA VAL A 67 19.14 -2.51 9.25
C VAL A 67 20.47 -3.22 9.43
N GLU A 68 20.49 -4.51 9.10
CA GLU A 68 21.70 -5.30 9.23
C GLU A 68 22.81 -4.80 8.31
N ARG A 69 22.46 -4.46 7.08
CA ARG A 69 23.49 -3.99 6.18
C ARG A 69 23.98 -2.61 6.59
N ASN A 70 23.18 -1.79 7.26
CA ASN A 70 23.73 -0.50 7.63
C ASN A 70 24.66 -0.61 8.82
N LYS A 71 24.32 -1.50 9.74
CA LYS A 71 25.12 -1.70 10.93
C LYS A 71 26.44 -2.44 10.63
N LYS A 72 26.44 -3.53 9.85
CA LYS A 72 27.72 -4.22 9.56
C LYS A 72 28.57 -3.64 8.40
N GLN A 73 27.98 -2.75 7.60
CA GLN A 73 28.71 -2.10 6.50
C GLN A 73 28.92 -0.58 6.77
N GLY A 74 28.91 -0.20 8.04
CA GLY A 74 29.15 1.19 8.44
C GLY A 74 28.23 2.28 7.92
N TYR A 75 26.94 2.11 8.12
CA TYR A 75 25.96 3.10 7.68
C TYR A 75 25.12 3.61 8.85
N PRO A 76 24.39 4.72 8.66
CA PRO A 76 23.54 5.36 9.65
C PRO A 76 22.63 4.47 10.52
N ALA A 77 22.39 4.95 11.73
CA ALA A 77 21.54 4.26 12.70
C ALA A 77 20.21 4.02 12.00
N LEU A 78 20.03 2.80 11.52
CA LEU A 78 18.83 2.44 10.80
C LEU A 78 17.72 1.78 11.61
N HIS A 79 16.71 2.54 12.01
CA HIS A 79 15.59 1.97 12.76
C HIS A 79 14.38 1.86 11.84
N VAL A 80 13.85 0.64 11.69
CA VAL A 80 12.70 0.46 10.82
C VAL A 80 11.42 0.11 11.58
N PHE A 81 10.30 0.60 11.07
CA PHE A 81 8.99 0.37 11.68
C PHE A 81 8.19 -0.69 10.94
N SER A 82 7.29 -1.36 11.64
CA SER A 82 6.47 -2.40 11.04
C SER A 82 5.48 -1.77 10.07
N THR A 83 5.15 -2.51 9.01
CA THR A 83 4.22 -2.02 8.01
C THR A 83 2.85 -1.80 8.67
N PHE A 84 2.66 -2.42 9.82
CA PHE A 84 1.40 -2.32 10.55
C PHE A 84 1.44 -1.15 11.53
N PHE A 85 2.55 -0.41 11.53
CA PHE A 85 2.68 0.71 12.45
C PHE A 85 1.82 1.93 12.14
N TYR A 86 2.00 2.50 10.95
CA TYR A 86 1.25 3.69 10.58
C TYR A 86 -0.27 3.50 10.74
N PRO A 87 -0.83 2.45 10.13
CA PRO A 87 -2.26 2.19 10.23
C PRO A 87 -2.75 2.28 11.67
N LYS A 88 -2.20 1.42 12.53
CA LYS A 88 -2.55 1.40 13.95
C LYS A 88 -2.42 2.80 14.55
N LEU A 89 -1.55 3.62 13.99
CA LEU A 89 -1.36 4.97 14.49
C LEU A 89 -2.38 5.94 13.90
N LYS A 90 -2.83 5.68 12.67
CA LYS A 90 -3.80 6.57 12.04
C LYS A 90 -5.16 6.35 12.71
N SER A 91 -5.27 5.29 13.50
CA SER A 91 -6.52 5.00 14.20
C SER A 91 -6.40 4.99 15.73
N GLY A 92 -5.43 4.26 16.28
CA GLY A 92 -5.29 4.19 17.73
C GLY A 92 -4.39 5.18 18.47
N GLY A 93 -4.23 6.39 17.93
CA GLY A 93 -3.39 7.39 18.58
C GLY A 93 -2.05 6.86 19.06
N TYR A 94 -1.27 7.69 19.74
CA TYR A 94 0.02 7.25 20.24
C TYR A 94 -0.20 6.26 21.38
N GLN A 95 -1.10 6.60 22.31
CA GLN A 95 -1.40 5.75 23.46
C GLN A 95 -1.44 4.24 23.17
N ALA A 96 -1.99 3.87 22.01
CA ALA A 96 -2.07 2.47 21.59
C ALA A 96 -0.90 2.13 20.66
N VAL A 97 0.16 2.91 20.80
CA VAL A 97 1.40 2.79 20.03
C VAL A 97 2.56 3.01 20.98
N LYS A 98 2.22 3.45 22.18
CA LYS A 98 3.18 3.77 23.23
C LYS A 98 4.37 2.81 23.43
N ARG A 99 4.10 1.72 24.12
CA ARG A 99 5.08 0.69 24.45
C ARG A 99 5.75 0.02 23.26
N TRP A 100 5.19 0.21 22.07
CA TRP A 100 5.74 -0.38 20.85
C TRP A 100 7.25 -0.43 20.88
N THR A 101 7.82 0.75 21.02
CA THR A 101 9.27 0.92 21.05
C THR A 101 9.74 1.34 22.44
N LYS A 102 9.96 0.36 23.31
CA LYS A 102 10.45 0.62 24.66
C LYS A 102 11.84 0.01 24.64
N GLY A 103 12.02 -0.97 23.77
CA GLY A 103 13.32 -1.59 23.66
C GLY A 103 14.24 -0.67 22.87
N VAL A 104 13.96 0.63 22.86
CA VAL A 104 14.76 1.58 22.09
C VAL A 104 14.42 3.07 22.25
N ASN A 105 15.44 3.93 22.34
CA ASN A 105 15.20 5.39 22.38
C ASN A 105 15.42 5.73 20.92
N LEU A 106 14.51 6.47 20.32
CA LEU A 106 14.64 6.77 18.90
C LEU A 106 15.61 7.85 18.45
N PHE A 107 15.45 9.06 18.96
CA PHE A 107 16.29 10.18 18.58
C PHE A 107 17.78 9.81 18.66
N GLU A 108 18.04 8.68 19.30
CA GLU A 108 19.38 8.12 19.48
C GLU A 108 19.91 7.68 18.11
N GLN A 109 18.99 7.50 17.16
CA GLN A 109 19.36 7.09 15.80
C GLN A 109 19.50 8.31 14.90
N GLU A 110 19.67 8.05 13.60
CA GLU A 110 19.85 9.11 12.61
C GLU A 110 18.72 9.09 11.58
N ILE A 111 18.46 7.91 11.04
CA ILE A 111 17.44 7.72 10.01
C ILE A 111 16.39 6.70 10.46
N ILE A 112 15.13 6.95 10.10
CA ILE A 112 14.01 6.07 10.43
C ILE A 112 13.06 5.85 9.25
N LEU A 113 12.90 4.61 8.83
CA LEU A 113 12.03 4.29 7.71
C LEU A 113 10.63 3.82 8.17
N VAL A 114 9.59 4.17 7.42
CA VAL A 114 8.24 3.76 7.76
C VAL A 114 7.42 3.39 6.52
N PRO A 115 7.15 2.10 6.32
CA PRO A 115 6.38 1.55 5.20
C PRO A 115 4.91 1.93 5.25
N ILE A 116 4.58 2.97 4.50
CA ILE A 116 3.22 3.44 4.44
C ILE A 116 2.42 2.56 3.46
N HIS A 117 1.44 1.84 4.00
CA HIS A 117 0.58 0.98 3.19
C HIS A 117 -0.83 1.51 3.19
N ARG A 118 -1.25 2.07 2.06
CA ARG A 118 -2.62 2.53 1.93
C ARG A 118 -3.21 1.42 1.07
N LYS A 119 -4.12 0.63 1.65
CA LYS A 119 -4.78 -0.51 0.99
C LYS A 119 -4.54 -0.51 -0.53
N VAL A 120 -3.99 -1.60 -1.04
CA VAL A 120 -3.63 -1.78 -2.46
C VAL A 120 -2.39 -1.01 -2.94
N HIS A 121 -1.82 -0.17 -2.07
CA HIS A 121 -0.62 0.60 -2.43
C HIS A 121 0.46 0.70 -1.36
N TRP A 122 1.63 1.13 -1.78
CA TRP A 122 2.79 1.29 -0.90
C TRP A 122 3.55 2.58 -1.14
N SER A 123 3.84 3.29 -0.06
CA SER A 123 4.58 4.54 -0.15
C SER A 123 5.60 4.48 0.97
N LEU A 124 6.43 5.50 1.05
CA LEU A 124 7.41 5.53 2.09
C LEU A 124 7.63 6.89 2.69
N VAL A 125 7.74 6.92 4.00
CA VAL A 125 8.01 8.14 4.71
C VAL A 125 9.36 7.93 5.34
N VAL A 126 10.28 8.81 4.99
CA VAL A 126 11.65 8.77 5.46
C VAL A 126 11.87 9.87 6.49
N ILE A 127 12.20 9.48 7.72
CA ILE A 127 12.47 10.46 8.76
C ILE A 127 13.99 10.58 8.90
N ASP A 128 14.51 11.78 8.65
CA ASP A 128 15.95 11.98 8.78
C ASP A 128 16.21 12.82 10.03
N LEU A 129 16.53 12.14 11.13
CA LEU A 129 16.80 12.79 12.41
C LEU A 129 17.95 13.76 12.33
N ARG A 130 18.95 13.39 11.54
CA ARG A 130 20.13 14.20 11.34
C ARG A 130 19.60 15.56 10.87
N LYS A 131 18.85 15.54 9.77
CA LYS A 131 18.29 16.74 9.17
C LYS A 131 17.02 17.29 9.85
N LYS A 132 16.45 16.54 10.78
CA LYS A 132 15.23 16.99 11.45
C LYS A 132 14.09 17.22 10.46
N CYS A 133 13.95 16.32 9.47
CA CYS A 133 12.89 16.45 8.48
C CYS A 133 12.44 15.10 7.94
N LEU A 134 11.17 15.02 7.53
CA LEU A 134 10.62 13.79 6.98
C LEU A 134 10.24 13.95 5.52
N LYS A 135 10.21 12.82 4.81
CA LYS A 135 9.86 12.84 3.40
C LYS A 135 8.94 11.67 3.07
N TYR A 136 7.89 11.96 2.31
CA TYR A 136 6.94 10.93 1.87
C TYR A 136 7.24 10.67 0.40
N LEU A 137 7.69 9.46 0.07
CA LEU A 137 8.01 9.12 -1.30
C LEU A 137 6.95 8.17 -1.87
N ASP A 138 6.35 8.52 -3.00
CA ASP A 138 5.33 7.66 -3.61
C ASP A 138 5.61 7.33 -5.07
N SER A 139 5.81 6.06 -5.36
CA SER A 139 6.09 5.63 -6.73
C SER A 139 5.10 6.12 -7.78
N MET A 140 3.84 6.27 -7.38
CA MET A 140 2.81 6.67 -8.33
C MET A 140 2.71 8.14 -8.65
N GLY A 141 2.33 8.95 -7.66
CA GLY A 141 2.21 10.37 -7.92
C GLY A 141 1.64 11.07 -6.72
N GLN A 142 0.95 10.28 -5.90
CA GLN A 142 0.33 10.80 -4.70
C GLN A 142 1.25 11.72 -3.93
N LYS A 143 0.63 12.58 -3.13
CA LYS A 143 1.35 13.49 -2.26
C LYS A 143 0.81 13.08 -0.91
N GLY A 144 1.68 13.14 0.09
CA GLY A 144 1.26 12.78 1.42
C GLY A 144 1.60 13.93 2.32
N HIS A 145 0.58 14.63 2.79
CA HIS A 145 0.80 15.73 3.69
C HIS A 145 0.16 15.32 4.99
N ARG A 146 -1.08 14.88 4.90
CA ARG A 146 -1.78 14.44 6.08
C ARG A 146 -1.06 13.21 6.64
N ILE A 147 -0.37 12.49 5.77
CA ILE A 147 0.36 11.28 6.15
C ILE A 147 1.57 11.57 7.01
N CYS A 148 2.23 12.69 6.74
CA CYS A 148 3.41 13.10 7.48
C CYS A 148 2.98 13.76 8.79
N GLU A 149 2.05 14.71 8.68
CA GLU A 149 1.57 15.44 9.84
C GLU A 149 1.14 14.53 10.98
N ILE A 150 0.74 13.30 10.67
CA ILE A 150 0.34 12.38 11.72
C ILE A 150 1.60 11.91 12.44
N LEU A 151 2.55 11.41 11.66
CA LEU A 151 3.81 10.92 12.19
C LEU A 151 4.46 11.91 13.14
N LEU A 152 4.62 13.16 12.71
CA LEU A 152 5.26 14.17 13.55
C LEU A 152 4.56 14.29 14.91
N GLN A 153 3.23 14.37 14.90
CA GLN A 153 2.48 14.48 16.13
C GLN A 153 2.79 13.27 16.99
N TYR A 154 3.05 12.15 16.32
CA TYR A 154 3.41 10.93 17.03
C TYR A 154 4.71 11.25 17.74
N LEU A 155 5.64 11.87 17.02
CA LEU A 155 6.94 12.22 17.57
C LEU A 155 7.02 13.36 18.58
N GLN A 156 6.36 14.50 18.33
CA GLN A 156 6.40 15.58 19.32
C GLN A 156 5.86 15.00 20.61
N ASP A 157 4.76 14.26 20.51
CA ASP A 157 4.17 13.65 21.69
C ASP A 157 4.84 12.33 22.03
N GLU A 158 5.82 11.92 21.23
CA GLU A 158 6.53 10.67 21.49
C GLU A 158 7.55 10.88 22.60
N SER A 159 8.47 11.80 22.37
CA SER A 159 9.51 12.11 23.33
C SER A 159 8.94 12.87 24.54
N LYS A 160 8.05 13.81 24.27
CA LYS A 160 7.42 14.59 25.33
C LYS A 160 6.95 13.65 26.44
N THR A 161 6.38 12.50 26.06
CA THR A 161 5.96 11.54 27.06
C THR A 161 6.79 10.28 27.07
N LYS A 162 8.10 10.48 27.20
CA LYS A 162 9.04 9.40 27.34
C LYS A 162 10.41 9.94 27.70
N ARG A 163 10.49 11.27 27.76
CA ARG A 163 11.67 12.01 28.21
C ARG A 163 11.33 13.42 28.79
N ASN A 164 10.04 13.72 28.99
CA ASN A 164 9.52 15.02 29.49
C ASN A 164 10.05 16.18 28.67
N SER A 165 10.74 15.83 27.60
CA SER A 165 11.30 16.82 26.70
C SER A 165 10.33 16.90 25.55
N ASP A 166 9.82 18.10 25.28
CA ASP A 166 8.90 18.24 24.16
C ASP A 166 9.72 18.15 22.90
N LEU A 167 9.35 18.97 21.93
CA LEU A 167 10.01 19.00 20.65
C LEU A 167 9.62 20.31 20.01
N ASN A 168 10.57 21.24 19.89
CA ASN A 168 10.26 22.50 19.23
C ASN A 168 10.02 22.01 17.81
N LEU A 169 8.77 22.09 17.38
CA LEU A 169 8.40 21.64 16.05
C LEU A 169 8.73 22.73 15.06
N LEU A 170 9.02 23.92 15.56
CA LEU A 170 9.38 25.03 14.70
C LEU A 170 10.73 24.63 14.09
N GLU A 171 11.43 23.71 14.76
CA GLU A 171 12.73 23.20 14.29
C GLU A 171 12.50 22.14 13.21
N TRP A 172 11.30 21.57 13.21
CA TRP A 172 10.94 20.49 12.30
C TRP A 172 10.30 20.85 10.95
N THR A 173 10.65 20.04 9.96
CA THR A 173 10.17 20.19 8.59
C THR A 173 9.94 18.82 7.98
N HIS A 174 9.06 18.79 6.99
CA HIS A 174 8.71 17.59 6.27
C HIS A 174 8.25 18.12 4.93
N HIS A 175 7.74 17.24 4.08
CA HIS A 175 7.23 17.64 2.78
C HIS A 175 7.04 16.48 1.81
N SER A 176 6.31 16.78 0.74
CA SER A 176 6.01 15.82 -0.30
C SER A 176 7.27 15.55 -1.10
N MET A 177 7.17 14.67 -2.09
CA MET A 177 8.31 14.33 -2.93
C MET A 177 7.93 14.38 -4.41
N LYS A 178 8.04 15.57 -5.00
CA LYS A 178 7.71 15.77 -6.41
C LYS A 178 8.15 14.60 -7.29
N PRO A 179 7.24 14.09 -8.15
CA PRO A 179 7.44 12.96 -9.06
C PRO A 179 8.50 13.14 -10.15
N HIS A 180 8.81 14.39 -10.47
CA HIS A 180 9.81 14.67 -11.50
C HIS A 180 11.21 14.32 -11.00
N GLU A 181 11.34 14.15 -9.69
CA GLU A 181 12.63 13.79 -9.11
C GLU A 181 12.73 12.28 -9.15
N ILE A 182 12.22 11.66 -8.08
CA ILE A 182 12.22 10.22 -7.91
C ILE A 182 11.44 9.46 -8.95
N PRO A 183 12.05 8.40 -9.50
CA PRO A 183 11.36 7.60 -10.53
C PRO A 183 10.01 7.07 -10.10
N GLN A 184 9.09 7.09 -11.06
CA GLN A 184 7.72 6.65 -10.90
C GLN A 184 7.55 5.34 -11.66
N GLN A 185 6.55 4.55 -11.30
CA GLN A 185 6.31 3.29 -11.99
C GLN A 185 5.50 3.54 -13.25
N LEU A 186 5.47 2.55 -14.13
CA LEU A 186 4.74 2.68 -15.38
C LEU A 186 3.70 1.57 -15.51
N ASN A 187 3.20 1.10 -14.36
CA ASN A 187 2.17 0.09 -14.28
C ASN A 187 1.44 0.19 -12.95
N GLY A 188 0.98 -0.92 -12.38
CA GLY A 188 0.28 -0.82 -11.11
C GLY A 188 0.51 -2.04 -10.26
N SER A 189 1.59 -2.75 -10.56
CA SER A 189 1.93 -3.94 -9.84
C SER A 189 3.25 -3.77 -9.10
N ASP A 190 4.23 -3.19 -9.77
CA ASP A 190 5.56 -2.98 -9.19
C ASP A 190 5.75 -1.86 -8.16
N SER A 191 4.76 -1.57 -7.33
CA SER A 191 4.93 -0.52 -6.32
C SER A 191 5.70 -1.00 -5.10
N GLY A 192 5.62 -2.30 -4.83
CA GLY A 192 6.31 -2.85 -3.67
C GLY A 192 7.82 -2.75 -3.73
N MET A 193 8.37 -2.60 -4.93
CA MET A 193 9.82 -2.48 -5.08
C MET A 193 10.17 -1.01 -4.90
N PHE A 194 9.52 -0.13 -5.68
CA PHE A 194 9.78 1.29 -5.55
C PHE A 194 9.71 1.65 -4.08
N THR A 195 8.89 0.93 -3.32
CA THR A 195 8.73 1.22 -1.91
C THR A 195 9.87 0.72 -1.03
N CYS A 196 10.70 -0.15 -1.59
CA CYS A 196 11.84 -0.69 -0.88
C CYS A 196 13.10 -0.07 -1.46
N LYS A 197 13.23 -0.14 -2.78
CA LYS A 197 14.40 0.41 -3.45
C LYS A 197 14.62 1.86 -3.02
N TYR A 198 13.55 2.56 -2.69
CA TYR A 198 13.69 3.94 -2.21
C TYR A 198 14.40 3.80 -0.87
N ALA A 199 13.81 2.95 -0.03
CA ALA A 199 14.29 2.65 1.31
C ALA A 199 15.73 2.18 1.40
N ASP A 200 16.39 2.03 0.25
CA ASP A 200 17.78 1.61 0.24
C ASP A 200 18.63 2.81 -0.14
N TYR A 201 18.52 3.25 -1.38
CA TYR A 201 19.27 4.42 -1.83
C TYR A 201 19.12 5.54 -0.81
N ILE A 202 17.99 5.54 -0.11
CA ILE A 202 17.77 6.56 0.89
C ILE A 202 18.56 6.22 2.16
N SER A 203 18.76 4.92 2.39
CA SER A 203 19.48 4.45 3.57
C SER A 203 21.00 4.53 3.47
N ARG A 204 21.49 4.88 2.28
CA ARG A 204 22.93 5.02 2.02
C ARG A 204 23.17 6.39 1.43
N ASP A 205 22.29 7.32 1.78
CA ASP A 205 22.39 8.68 1.27
C ASP A 205 22.80 8.70 -0.20
N LYS A 206 22.44 7.64 -0.92
CA LYS A 206 22.74 7.49 -2.34
C LYS A 206 21.59 8.02 -3.19
N PRO A 207 21.90 8.85 -4.19
CA PRO A 207 20.90 9.43 -5.11
C PRO A 207 19.98 8.37 -5.71
N ILE A 208 18.68 8.54 -5.54
CA ILE A 208 17.72 7.60 -6.09
C ILE A 208 17.74 7.73 -7.60
N THR A 209 18.46 6.81 -8.23
CA THR A 209 18.58 6.82 -9.67
C THR A 209 18.36 5.42 -10.20
N PHE A 210 17.11 5.13 -10.56
CA PHE A 210 16.74 3.86 -11.13
C PHE A 210 15.44 3.99 -11.92
N THR A 211 15.15 2.99 -12.74
CA THR A 211 13.96 3.04 -13.57
C THR A 211 13.19 1.74 -13.61
N GLN A 212 12.03 1.77 -14.27
CA GLN A 212 11.20 0.58 -14.38
C GLN A 212 11.95 -0.55 -15.05
N HIS A 213 12.65 -0.24 -16.15
CA HIS A 213 13.38 -1.25 -16.89
C HIS A 213 14.22 -2.16 -16.00
N GLN A 214 14.82 -1.60 -14.95
CA GLN A 214 15.64 -2.40 -14.06
C GLN A 214 14.82 -3.31 -13.14
N MET A 215 13.80 -2.75 -12.48
CA MET A 215 12.95 -3.46 -11.54
C MET A 215 12.76 -4.97 -11.71
N PRO A 216 12.31 -5.44 -12.89
CA PRO A 216 12.12 -6.88 -13.08
C PRO A 216 13.27 -7.70 -12.57
N LEU A 217 14.47 -7.15 -12.69
CA LEU A 217 15.68 -7.82 -12.25
C LEU A 217 15.84 -7.59 -10.74
N PHE A 218 15.43 -6.41 -10.27
CA PHE A 218 15.46 -6.10 -8.85
C PHE A 218 14.57 -7.16 -8.23
N ARG A 219 13.61 -7.61 -9.02
CA ARG A 219 12.67 -8.63 -8.58
C ARG A 219 13.40 -9.92 -8.25
N LYS A 220 14.06 -10.52 -9.23
CA LYS A 220 14.80 -11.76 -8.97
C LYS A 220 15.80 -11.53 -7.83
N LYS A 221 16.69 -10.55 -8.01
CA LYS A 221 17.70 -10.26 -7.00
C LYS A 221 17.10 -10.24 -5.60
N MET A 222 16.02 -9.49 -5.42
CA MET A 222 15.43 -9.40 -4.10
C MET A 222 15.12 -10.75 -3.47
N VAL A 223 14.64 -11.74 -4.24
CA VAL A 223 14.35 -13.03 -3.61
C VAL A 223 15.68 -13.59 -3.13
N TRP A 224 16.73 -13.39 -3.92
CA TRP A 224 18.06 -13.88 -3.57
C TRP A 224 18.52 -13.20 -2.29
N GLU A 225 18.71 -11.89 -2.34
CA GLU A 225 19.17 -11.15 -1.17
C GLU A 225 18.29 -11.44 0.04
N ILE A 226 17.03 -11.78 -0.23
CA ILE A 226 16.08 -12.05 0.84
C ILE A 226 16.13 -13.50 1.32
N LEU A 227 16.54 -14.40 0.44
CA LEU A 227 16.67 -15.81 0.77
C LEU A 227 17.87 -16.01 1.68
N HIS A 228 19.04 -15.76 1.11
CA HIS A 228 20.30 -15.88 1.81
C HIS A 228 20.35 -14.90 2.95
N GLN A 229 19.61 -13.80 2.80
CA GLN A 229 19.58 -12.77 3.81
C GLN A 229 20.91 -12.05 3.62
N GLN A 230 21.60 -12.46 2.55
CA GLN A 230 22.88 -11.89 2.19
C GLN A 230 22.52 -10.65 1.38
N LEU A 231 22.34 -9.53 2.05
CA LEU A 231 21.98 -8.33 1.33
C LEU A 231 23.12 -7.78 0.51
N LEU A 232 22.93 -7.72 -0.80
CA LEU A 232 23.94 -7.17 -1.68
C LEU A 232 23.55 -5.73 -1.97
N LEU B 8 -4.04 -10.79 30.43
CA LEU B 8 -3.90 -11.03 28.95
C LEU B 8 -5.20 -10.85 28.16
N LYS B 9 -5.06 -10.45 26.90
CA LYS B 9 -6.19 -10.21 25.99
C LYS B 9 -5.75 -10.28 24.51
N VAL B 10 -6.71 -10.38 23.60
CA VAL B 10 -6.45 -10.45 22.16
C VAL B 10 -7.28 -9.44 21.36
N ALA B 11 -6.96 -8.15 21.51
CA ALA B 11 -7.69 -7.07 20.83
C ALA B 11 -7.55 -7.08 19.30
N GLY B 12 -8.67 -7.26 18.61
CA GLY B 12 -8.65 -7.27 17.16
C GLY B 12 -8.53 -5.91 16.52
N GLN B 13 -8.73 -5.87 15.20
CA GLN B 13 -8.65 -4.63 14.43
C GLN B 13 -10.04 -4.01 14.31
N ASP B 14 -11.00 -4.84 13.90
CA ASP B 14 -12.39 -4.44 13.71
C ASP B 14 -12.91 -3.47 14.77
N GLY B 15 -12.60 -3.78 16.02
CA GLY B 15 -13.07 -2.99 17.14
C GLY B 15 -13.54 -4.09 18.06
N SER B 16 -12.78 -5.17 18.03
CA SER B 16 -13.00 -6.36 18.84
C SER B 16 -12.18 -6.19 20.11
N VAL B 17 -12.41 -7.07 21.08
CA VAL B 17 -11.70 -7.04 22.35
C VAL B 17 -12.04 -8.29 23.14
N VAL B 18 -11.38 -9.41 22.81
CA VAL B 18 -11.60 -10.69 23.49
C VAL B 18 -10.44 -10.99 24.45
N GLN B 19 -10.76 -11.15 25.73
CA GLN B 19 -9.76 -11.36 26.77
C GLN B 19 -9.51 -12.77 27.40
N PHE B 20 -8.32 -12.97 27.99
CA PHE B 20 -7.91 -14.25 28.65
C PHE B 20 -6.83 -14.23 29.71
N LYS B 21 -6.23 -15.43 29.73
CA LYS B 21 -5.14 -15.84 30.58
C LYS B 21 -4.66 -17.23 30.11
N ILE B 22 -3.42 -17.60 30.46
CA ILE B 22 -2.83 -18.91 30.11
C ILE B 22 -1.56 -19.24 30.93
N LYS B 23 -1.02 -20.43 30.69
CA LYS B 23 0.18 -20.93 31.37
C LYS B 23 1.41 -20.06 31.06
N ARG B 24 2.25 -19.88 32.06
CA ARG B 24 3.44 -19.05 31.89
C ARG B 24 4.38 -19.53 30.78
N HIS B 25 5.32 -20.42 31.10
CA HIS B 25 6.27 -20.91 30.11
C HIS B 25 5.58 -21.80 29.05
N THR B 26 4.27 -21.61 28.89
CA THR B 26 3.45 -22.38 27.96
C THR B 26 3.60 -21.99 26.49
N PRO B 27 3.61 -23.00 25.61
CA PRO B 27 3.74 -22.81 24.16
C PRO B 27 2.46 -22.21 23.56
N LEU B 28 2.51 -20.93 23.19
CA LEU B 28 1.36 -20.25 22.61
C LEU B 28 1.09 -20.75 21.20
N SER B 29 1.81 -21.80 20.78
CA SER B 29 1.56 -22.35 19.46
C SER B 29 0.06 -22.67 19.48
N LYS B 30 -0.44 -23.12 20.64
CA LYS B 30 -1.87 -23.43 20.77
C LYS B 30 -2.77 -22.21 21.10
N LEU B 31 -2.20 -21.04 21.45
CA LEU B 31 -3.06 -19.85 21.70
C LEU B 31 -3.41 -19.28 20.35
N MET B 32 -2.93 -19.82 19.26
CA MET B 32 -3.33 -19.15 18.04
C MET B 32 -4.11 -19.98 17.07
N LYS B 33 -3.83 -21.28 17.02
CA LYS B 33 -4.57 -22.15 16.12
C LYS B 33 -6.02 -22.15 16.59
N ALA B 34 -6.20 -22.03 17.90
CA ALA B 34 -7.51 -21.99 18.53
C ALA B 34 -8.30 -20.78 18.09
N TYR B 35 -7.71 -19.63 18.33
CA TYR B 35 -8.37 -18.39 17.98
C TYR B 35 -8.49 -18.19 16.49
N CYS B 36 -7.89 -19.09 15.73
CA CYS B 36 -8.03 -19.02 14.28
C CYS B 36 -9.40 -19.57 13.99
N GLU B 37 -9.70 -20.71 14.59
CA GLU B 37 -11.00 -21.34 14.45
C GLU B 37 -12.04 -20.41 15.09
N ARG B 38 -11.70 -19.88 16.26
CA ARG B 38 -12.58 -18.99 17.03
C ARG B 38 -12.96 -17.67 16.33
N GLN B 39 -12.57 -17.53 15.06
CA GLN B 39 -12.88 -16.33 14.29
C GLN B 39 -13.01 -16.67 12.81
N GLY B 40 -12.57 -17.88 12.45
CA GLY B 40 -12.63 -18.31 11.07
C GLY B 40 -11.34 -17.90 10.38
N LEU B 41 -10.80 -16.77 10.84
CA LEU B 41 -9.56 -16.22 10.34
C LEU B 41 -8.50 -17.30 10.20
N SER B 42 -8.05 -17.56 8.98
CA SER B 42 -7.00 -18.53 8.75
C SER B 42 -5.74 -17.72 9.00
N MET B 43 -4.69 -18.35 9.51
CA MET B 43 -3.47 -17.62 9.81
C MET B 43 -2.69 -17.06 8.62
N ARG B 44 -2.83 -17.68 7.44
CA ARG B 44 -2.12 -17.16 6.28
C ARG B 44 -2.66 -15.80 5.91
N GLN B 45 -3.78 -15.42 6.52
CA GLN B 45 -4.42 -14.14 6.23
C GLN B 45 -4.20 -13.10 7.31
N ILE B 46 -3.88 -13.57 8.51
CA ILE B 46 -3.68 -12.67 9.62
C ILE B 46 -2.34 -12.92 10.28
N ARG B 47 -1.91 -11.95 11.08
CA ARG B 47 -0.65 -12.07 11.79
C ARG B 47 -0.73 -11.42 13.17
N PHE B 48 -0.12 -12.06 14.15
CA PHE B 48 -0.11 -11.54 15.51
C PHE B 48 1.13 -10.73 15.70
N ARG B 49 1.06 -9.76 16.61
CA ARG B 49 2.19 -8.91 16.88
C ARG B 49 2.01 -8.32 18.27
N PHE B 50 2.93 -8.64 19.17
CA PHE B 50 2.85 -8.13 20.53
C PHE B 50 3.72 -6.88 20.69
N ASP B 51 3.07 -5.75 20.94
CA ASP B 51 3.78 -4.48 21.06
C ASP B 51 4.58 -4.27 19.79
N GLY B 52 4.30 -5.08 18.77
CA GLY B 52 4.99 -4.96 17.51
C GLY B 52 5.78 -6.17 17.07
N GLN B 53 6.52 -6.77 18.00
CA GLN B 53 7.32 -7.94 17.67
C GLN B 53 6.49 -9.18 17.40
N PRO B 54 6.48 -9.65 16.15
CA PRO B 54 5.71 -10.84 15.80
C PRO B 54 5.98 -11.99 16.75
N ILE B 55 4.92 -12.52 17.33
CA ILE B 55 5.07 -13.63 18.26
C ILE B 55 5.26 -14.87 17.43
N ASN B 56 5.85 -15.88 18.04
CA ASN B 56 6.06 -17.12 17.33
C ASN B 56 5.39 -18.25 18.06
N GLU B 57 5.46 -19.40 17.43
CA GLU B 57 4.91 -20.61 17.97
C GLU B 57 5.64 -20.85 19.28
N THR B 58 6.91 -21.20 19.10
CA THR B 58 7.87 -21.53 20.16
C THR B 58 8.14 -20.49 21.23
N ASP B 59 7.53 -19.33 21.14
CA ASP B 59 7.78 -18.36 22.17
C ASP B 59 6.84 -18.69 23.34
N THR B 60 6.97 -17.96 24.43
CA THR B 60 6.16 -18.21 25.60
C THR B 60 5.77 -16.91 26.27
N PRO B 61 4.48 -16.73 26.58
CA PRO B 61 4.01 -15.50 27.23
C PRO B 61 4.99 -15.09 28.33
N ALA B 62 5.52 -16.11 28.99
CA ALA B 62 6.49 -15.92 30.07
C ALA B 62 7.71 -15.21 29.51
N GLN B 63 8.35 -15.85 28.52
CA GLN B 63 9.54 -15.31 27.86
C GLN B 63 9.40 -13.88 27.40
N LEU B 64 8.58 -13.65 26.36
CA LEU B 64 8.40 -12.31 25.82
C LEU B 64 7.91 -11.33 26.88
N GLU B 65 7.98 -11.79 28.13
CA GLU B 65 7.58 -11.02 29.30
C GLU B 65 6.41 -10.08 29.16
N MET B 66 5.21 -10.64 29.22
CA MET B 66 4.01 -9.85 29.14
C MET B 66 3.39 -10.03 30.48
N GLU B 67 2.64 -9.05 30.94
CA GLU B 67 2.06 -9.24 32.23
C GLU B 67 0.55 -9.25 32.23
N ASP B 68 -0.02 -9.10 33.41
CA ASP B 68 -1.45 -9.13 33.58
C ASP B 68 -2.09 -7.92 32.92
N GLU B 69 -3.06 -8.18 32.04
CA GLU B 69 -3.77 -7.13 31.32
C GLU B 69 -2.99 -6.67 30.10
N ASP B 70 -2.10 -7.55 29.62
CA ASP B 70 -1.32 -7.24 28.46
C ASP B 70 -2.07 -7.68 27.22
N THR B 71 -2.14 -6.71 26.31
CA THR B 71 -2.85 -6.77 25.06
C THR B 71 -1.98 -7.08 23.86
N ILE B 72 -2.39 -8.07 23.08
CA ILE B 72 -1.66 -8.41 21.88
C ILE B 72 -2.48 -7.78 20.78
N ASP B 73 -2.04 -7.92 19.54
CA ASP B 73 -2.75 -7.31 18.41
C ASP B 73 -2.81 -8.25 17.21
N VAL B 74 -3.88 -8.18 16.44
CA VAL B 74 -3.99 -9.01 15.26
C VAL B 74 -4.34 -8.13 14.08
N PHE B 75 -3.65 -8.34 12.96
CA PHE B 75 -3.89 -7.55 11.77
C PHE B 75 -4.21 -8.46 10.57
N GLN B 76 -5.06 -7.95 9.67
CA GLN B 76 -5.40 -8.69 8.46
C GLN B 76 -4.18 -8.50 7.56
N GLN B 77 -3.76 -9.55 6.86
CA GLN B 77 -2.61 -9.42 5.99
C GLN B 77 -2.83 -8.35 4.93
N GLN B 78 -1.81 -7.54 4.69
CA GLN B 78 -1.88 -6.45 3.72
C GLN B 78 -0.98 -6.70 2.51
N THR B 79 -1.35 -6.09 1.38
CA THR B 79 -0.59 -6.21 0.15
C THR B 79 -0.84 -4.96 -0.67
N GLY B 80 0.06 -4.66 -1.60
CA GLY B 80 -0.09 -3.49 -2.42
C GLY B 80 0.85 -3.49 -3.61
N GLY B 81 0.62 -2.56 -4.54
CA GLY B 81 1.44 -2.45 -5.74
C GLY B 81 0.97 -1.35 -6.71
N ALA C 17 -15.87 33.37 -6.46
CA ALA C 17 -16.97 33.78 -7.33
C ALA C 17 -17.91 32.59 -7.57
N ASP C 18 -18.59 32.60 -8.71
CA ASP C 18 -19.50 31.51 -9.04
C ASP C 18 -18.67 30.25 -9.29
N VAL C 19 -17.51 30.44 -9.91
CA VAL C 19 -16.61 29.33 -10.21
C VAL C 19 -16.25 28.48 -8.98
N SER C 20 -15.90 29.11 -7.87
CA SER C 20 -15.55 28.35 -6.66
C SER C 20 -16.77 27.63 -6.09
N THR C 21 -17.93 28.26 -6.25
CA THR C 21 -19.20 27.68 -5.79
C THR C 21 -19.41 26.42 -6.62
N PHE C 22 -19.52 26.63 -7.93
CA PHE C 22 -19.71 25.56 -8.90
C PHE C 22 -18.88 24.36 -8.51
N LEU C 23 -17.58 24.58 -8.41
CA LEU C 23 -16.66 23.50 -8.05
C LEU C 23 -17.26 22.67 -6.92
N ALA C 24 -17.31 23.23 -5.71
CA ALA C 24 -17.86 22.53 -4.56
C ALA C 24 -18.91 21.50 -4.98
N PHE C 25 -20.07 21.99 -5.43
CA PHE C 25 -21.15 21.13 -5.86
C PHE C 25 -21.39 21.27 -7.37
N PRO C 26 -20.52 20.70 -8.21
CA PRO C 26 -20.73 20.83 -9.66
C PRO C 26 -22.18 20.56 -10.06
N SER C 27 -22.55 20.92 -11.28
CA SER C 27 -23.91 20.68 -11.74
C SER C 27 -24.11 21.25 -13.12
N PRO C 28 -24.79 20.50 -13.99
CA PRO C 28 -25.02 21.00 -15.35
C PRO C 28 -25.47 22.46 -15.37
N GLU C 29 -26.42 22.81 -14.51
CA GLU C 29 -26.92 24.19 -14.45
C GLU C 29 -25.86 25.14 -13.90
N LYS C 30 -25.21 24.74 -12.82
CA LYS C 30 -24.19 25.61 -12.26
C LYS C 30 -23.20 25.91 -13.40
N LEU C 31 -22.91 24.88 -14.19
CA LEU C 31 -21.97 25.01 -15.31
C LEU C 31 -22.44 25.95 -16.43
N LEU C 32 -23.67 25.78 -16.89
CA LEU C 32 -24.20 26.62 -17.96
C LEU C 32 -24.51 28.04 -17.46
N ARG C 33 -24.69 28.18 -16.16
CA ARG C 33 -24.98 29.46 -15.53
C ARG C 33 -23.69 30.24 -15.33
N LEU C 34 -22.91 30.31 -16.42
CA LEU C 34 -21.64 31.01 -16.40
C LEU C 34 -21.36 31.57 -17.79
N GLY C 35 -22.30 31.38 -18.71
CA GLY C 35 -22.13 31.88 -20.06
C GLY C 35 -20.90 31.29 -20.72
N PRO C 36 -20.40 31.89 -21.82
CA PRO C 36 -19.22 31.32 -22.46
C PRO C 36 -17.87 31.50 -21.74
N LYS C 37 -17.82 32.33 -20.69
CA LYS C 37 -16.55 32.51 -19.97
C LYS C 37 -16.23 31.37 -18.99
N SER C 38 -17.19 30.49 -18.75
CA SER C 38 -16.98 29.36 -17.84
C SER C 38 -15.73 28.60 -18.25
N SER C 39 -15.74 28.11 -19.48
CA SER C 39 -14.61 27.37 -20.03
C SER C 39 -13.31 27.93 -19.48
N VAL C 40 -12.91 29.08 -20.01
CA VAL C 40 -11.67 29.72 -19.61
C VAL C 40 -11.60 30.20 -18.15
N LEU C 41 -12.73 30.41 -17.49
CA LEU C 41 -12.71 30.87 -16.11
C LEU C 41 -12.24 29.82 -15.10
N ILE C 42 -12.39 28.54 -15.46
CA ILE C 42 -12.00 27.46 -14.57
C ILE C 42 -10.55 27.01 -14.74
N ALA C 43 -10.09 26.95 -16.00
CA ALA C 43 -8.73 26.56 -16.29
C ALA C 43 -7.79 27.61 -15.68
N GLN C 44 -8.33 28.81 -15.48
CA GLN C 44 -7.59 29.92 -14.90
C GLN C 44 -7.66 29.94 -13.37
N GLN C 45 -8.81 29.58 -12.80
CA GLN C 45 -8.91 29.56 -11.35
C GLN C 45 -8.34 28.24 -10.82
N THR C 46 -7.68 27.50 -11.70
CA THR C 46 -7.09 26.20 -11.34
C THR C 46 -5.56 26.11 -11.54
N ASP C 47 -4.85 25.99 -10.42
CA ASP C 47 -3.38 25.91 -10.37
C ASP C 47 -2.80 24.63 -10.98
N THR C 48 -2.35 24.70 -12.22
CA THR C 48 -1.81 23.51 -12.89
C THR C 48 -0.32 23.27 -12.62
N SER C 49 0.09 23.44 -11.36
CA SER C 49 1.49 23.24 -10.95
C SER C 49 1.67 22.03 -10.05
N ASP C 50 0.70 21.12 -10.08
CA ASP C 50 0.73 19.89 -9.29
C ASP C 50 -0.54 19.10 -9.61
N PRO C 51 -0.47 18.28 -10.67
CA PRO C 51 -1.54 17.43 -11.19
C PRO C 51 -2.68 16.98 -10.28
N GLU C 52 -2.48 16.99 -8.97
CA GLU C 52 -3.57 16.57 -8.09
C GLU C 52 -4.73 17.55 -8.12
N LYS C 53 -4.43 18.83 -8.39
CA LYS C 53 -5.49 19.82 -8.46
C LYS C 53 -6.15 19.72 -9.83
N VAL C 54 -5.36 19.39 -10.86
CA VAL C 54 -5.90 19.26 -12.21
C VAL C 54 -6.75 18.01 -12.30
N VAL C 55 -6.34 16.94 -11.64
CA VAL C 55 -7.15 15.74 -11.69
C VAL C 55 -8.46 16.06 -10.98
N SER C 56 -8.37 16.38 -9.69
CA SER C 56 -9.55 16.70 -8.89
C SER C 56 -10.48 17.69 -9.57
N ALA C 57 -9.94 18.58 -10.40
CA ALA C 57 -10.76 19.56 -11.08
C ALA C 57 -11.24 19.04 -12.44
N PHE C 58 -10.42 18.22 -13.09
CA PHE C 58 -10.85 17.66 -14.37
C PHE C 58 -12.00 16.72 -14.06
N LEU C 59 -11.98 16.14 -12.86
CA LEU C 59 -13.04 15.22 -12.44
C LEU C 59 -14.31 15.96 -12.07
N LYS C 60 -14.18 17.00 -11.24
CA LYS C 60 -15.32 17.79 -10.82
C LYS C 60 -16.08 18.34 -12.02
N VAL C 61 -15.35 18.75 -13.05
CA VAL C 61 -15.97 19.31 -14.25
C VAL C 61 -16.72 18.28 -15.09
N SER C 62 -16.15 17.09 -15.24
CA SER C 62 -16.77 16.06 -16.03
C SER C 62 -17.80 15.24 -15.25
N SER C 63 -17.88 15.45 -13.94
CA SER C 63 -18.86 14.71 -13.11
C SER C 63 -20.19 15.36 -13.38
N VAL C 64 -20.22 16.16 -14.43
CA VAL C 64 -21.41 16.89 -14.80
C VAL C 64 -21.95 16.43 -16.14
N PHE C 65 -21.10 15.82 -16.95
CA PHE C 65 -21.56 15.39 -18.26
C PHE C 65 -22.87 14.64 -18.22
N LYS C 66 -23.75 15.02 -19.12
CA LYS C 66 -25.05 14.41 -19.34
C LYS C 66 -25.13 14.46 -20.86
N ASP C 67 -25.73 13.45 -21.48
CA ASP C 67 -25.79 13.37 -22.94
C ASP C 67 -26.15 14.66 -23.68
N GLU C 68 -27.02 15.45 -23.08
CA GLU C 68 -27.53 16.70 -23.65
C GLU C 68 -26.56 17.75 -24.22
N ALA C 69 -26.73 18.08 -25.49
CA ALA C 69 -25.92 19.08 -26.22
C ALA C 69 -25.26 20.18 -25.38
N THR C 70 -26.09 20.89 -24.61
CA THR C 70 -25.65 21.99 -23.74
C THR C 70 -24.53 21.56 -22.80
N VAL C 71 -24.90 20.71 -21.85
CA VAL C 71 -24.00 20.19 -20.84
C VAL C 71 -22.82 19.40 -21.40
N ARG C 72 -23.03 18.79 -22.56
CA ARG C 72 -21.99 17.99 -23.19
C ARG C 72 -20.84 18.87 -23.68
N MET C 73 -21.13 19.66 -24.70
CA MET C 73 -20.13 20.54 -25.28
C MET C 73 -19.64 21.56 -24.26
N ALA C 74 -20.47 21.87 -23.27
CA ALA C 74 -20.07 22.82 -22.23
C ALA C 74 -18.85 22.22 -21.59
N VAL C 75 -18.99 20.96 -21.20
CA VAL C 75 -17.95 20.20 -20.57
C VAL C 75 -16.70 20.07 -21.43
N GLN C 76 -16.90 19.79 -22.72
CA GLN C 76 -15.76 19.63 -23.62
C GLN C 76 -14.89 20.89 -23.65
N ASP C 77 -15.46 22.01 -24.09
CA ASP C 77 -14.71 23.25 -24.16
C ASP C 77 -14.11 23.61 -22.79
N ALA C 78 -14.79 23.23 -21.72
CA ALA C 78 -14.30 23.51 -20.37
C ALA C 78 -13.04 22.71 -20.06
N VAL C 79 -12.92 21.56 -20.71
CA VAL C 79 -11.77 20.69 -20.49
C VAL C 79 -10.63 20.92 -21.48
N ASP C 80 -10.98 21.30 -22.71
CA ASP C 80 -9.95 21.56 -23.70
C ASP C 80 -9.17 22.77 -23.20
N ALA C 81 -9.87 23.61 -22.42
CA ALA C 81 -9.30 24.81 -21.83
C ALA C 81 -8.37 24.48 -20.66
N LEU C 82 -8.81 23.58 -19.78
CA LEU C 82 -7.98 23.22 -18.65
C LEU C 82 -6.82 22.37 -19.10
N MET C 83 -6.97 21.67 -20.21
CA MET C 83 -5.85 20.86 -20.64
C MET C 83 -4.76 21.66 -21.30
N GLN C 84 -5.11 22.61 -22.17
CA GLN C 84 -4.07 23.42 -22.79
C GLN C 84 -3.26 24.08 -21.67
N LYS C 85 -3.93 24.91 -20.87
CA LYS C 85 -3.30 25.59 -19.75
C LYS C 85 -2.18 24.79 -19.08
N ALA C 86 -2.50 23.55 -18.71
CA ALA C 86 -1.53 22.70 -18.06
C ALA C 86 -0.51 22.03 -18.99
N PHE C 87 -0.84 21.91 -20.28
CA PHE C 87 0.09 21.30 -21.22
C PHE C 87 1.20 22.30 -21.60
N ASN C 88 1.04 23.57 -21.22
CA ASN C 88 2.05 24.61 -21.48
C ASN C 88 2.66 25.02 -20.16
N SER C 89 2.45 24.20 -19.14
CA SER C 89 2.97 24.45 -17.81
C SER C 89 4.12 23.48 -17.55
N SER C 90 5.31 24.02 -17.31
CA SER C 90 6.51 23.21 -17.05
C SER C 90 6.37 22.31 -15.83
N SER C 91 5.89 22.90 -14.73
CA SER C 91 5.70 22.18 -13.47
C SER C 91 4.65 21.08 -13.59
N PHE C 92 3.99 21.03 -14.74
CA PHE C 92 2.95 20.03 -14.96
C PHE C 92 3.49 18.66 -15.34
N ASN C 93 3.24 17.68 -14.48
CA ASN C 93 3.69 16.32 -14.73
C ASN C 93 2.56 15.53 -15.39
N SER C 94 2.54 15.57 -16.72
CA SER C 94 1.56 14.88 -17.54
C SER C 94 1.45 13.41 -17.17
N ASN C 95 2.58 12.83 -16.78
CA ASN C 95 2.64 11.44 -16.42
C ASN C 95 1.90 11.20 -15.11
N THR C 96 2.31 11.85 -14.03
CA THR C 96 1.64 11.69 -12.74
C THR C 96 0.15 11.91 -12.93
N PHE C 97 -0.20 12.68 -13.95
CA PHE C 97 -1.60 12.96 -14.23
C PHE C 97 -2.37 11.74 -14.71
N LEU C 98 -2.15 11.35 -15.97
CA LEU C 98 -2.81 10.18 -16.52
C LEU C 98 -2.88 9.14 -15.42
N THR C 99 -1.74 8.92 -14.79
CA THR C 99 -1.58 7.97 -13.71
C THR C 99 -2.47 8.22 -12.48
N ARG C 100 -2.77 9.48 -12.15
CA ARG C 100 -3.62 9.72 -10.99
C ARG C 100 -5.08 9.67 -11.43
N LEU C 101 -5.30 9.73 -12.74
CA LEU C 101 -6.67 9.66 -13.26
C LEU C 101 -7.11 8.20 -13.19
N LEU C 102 -6.38 7.36 -13.91
CA LEU C 102 -6.67 5.93 -13.97
C LEU C 102 -6.90 5.25 -12.64
N VAL C 103 -6.42 5.85 -11.56
CA VAL C 103 -6.62 5.22 -10.26
C VAL C 103 -7.97 5.60 -9.67
N HIS C 104 -8.25 6.89 -9.62
CA HIS C 104 -9.53 7.39 -9.10
C HIS C 104 -10.61 7.13 -10.12
N MET C 105 -10.37 6.15 -10.98
CA MET C 105 -11.29 5.77 -12.03
C MET C 105 -11.25 4.25 -12.09
N GLY C 106 -10.58 3.66 -11.11
CA GLY C 106 -10.48 2.21 -11.03
C GLY C 106 -9.90 1.42 -12.19
N LEU C 107 -9.33 2.07 -13.20
CA LEU C 107 -8.74 1.33 -14.30
C LEU C 107 -7.34 0.84 -13.92
N LEU C 108 -6.82 1.37 -12.83
CA LEU C 108 -5.51 0.98 -12.34
C LEU C 108 -5.60 0.88 -10.81
N LYS C 109 -5.04 -0.20 -10.25
CA LYS C 109 -5.13 -0.42 -8.83
C LYS C 109 -6.62 -0.67 -8.64
N SER C 110 -7.10 -0.76 -7.40
CA SER C 110 -8.49 -1.04 -7.08
C SER C 110 -8.48 -2.40 -6.37
N GLU C 111 -7.68 -3.33 -6.88
CA GLU C 111 -7.55 -4.66 -6.28
C GLU C 111 -6.35 -5.48 -6.78
N ASP C 112 -5.87 -6.37 -5.91
CA ASP C 112 -4.75 -7.25 -6.21
C ASP C 112 -5.30 -8.25 -7.24
N LYS C 113 -5.62 -7.77 -8.44
CA LYS C 113 -6.20 -8.64 -9.46
C LYS C 113 -5.63 -10.03 -9.64
N VAL C 114 -4.31 -10.20 -9.57
CA VAL C 114 -3.72 -11.53 -9.74
C VAL C 114 -4.16 -12.44 -8.60
N LYS C 115 -3.75 -12.07 -7.38
CA LYS C 115 -4.08 -12.78 -6.16
C LYS C 115 -5.55 -13.21 -6.16
N ALA C 116 -6.41 -12.31 -6.61
CA ALA C 116 -7.83 -12.61 -6.69
C ALA C 116 -8.01 -13.82 -7.59
N ILE C 117 -7.67 -13.67 -8.87
CA ILE C 117 -7.81 -14.77 -9.82
C ILE C 117 -7.22 -16.02 -9.19
N ALA C 118 -6.20 -15.82 -8.37
CA ALA C 118 -5.54 -16.94 -7.72
C ALA C 118 -6.47 -17.63 -6.73
N ASN C 119 -7.27 -16.86 -5.99
CA ASN C 119 -8.17 -17.46 -5.02
C ASN C 119 -9.42 -18.04 -5.65
N LEU C 120 -9.64 -17.75 -6.93
CA LEU C 120 -10.80 -18.28 -7.60
C LEU C 120 -10.48 -19.60 -8.27
N TYR C 121 -9.30 -19.68 -8.86
CA TYR C 121 -8.90 -20.89 -9.56
C TYR C 121 -9.46 -22.18 -8.98
N GLY C 122 -9.26 -22.40 -7.69
CA GLY C 122 -9.76 -23.61 -7.05
C GLY C 122 -11.26 -23.62 -6.82
N PRO C 123 -11.78 -22.69 -6.01
CA PRO C 123 -13.22 -22.66 -5.75
C PRO C 123 -14.04 -22.72 -7.03
N LEU C 124 -13.49 -22.18 -8.11
CA LEU C 124 -14.20 -22.19 -9.40
C LEU C 124 -14.14 -23.53 -10.12
N MET C 125 -13.21 -24.41 -9.71
CA MET C 125 -13.11 -25.74 -10.32
C MET C 125 -13.99 -26.72 -9.57
N ALA C 126 -14.22 -26.41 -8.29
CA ALA C 126 -15.06 -27.24 -7.43
C ALA C 126 -16.52 -26.91 -7.70
N LEU C 127 -16.87 -25.64 -7.59
CA LEU C 127 -18.24 -25.22 -7.84
C LEU C 127 -18.63 -25.58 -9.25
N ASN C 128 -17.66 -25.58 -10.15
CA ASN C 128 -17.93 -25.91 -11.54
C ASN C 128 -18.08 -27.41 -11.65
N HIS C 129 -17.74 -28.09 -10.57
CA HIS C 129 -17.82 -29.54 -10.48
C HIS C 129 -19.20 -29.91 -9.93
N MET C 130 -19.43 -29.51 -8.69
CA MET C 130 -20.68 -29.76 -8.01
C MET C 130 -21.82 -29.67 -9.01
N VAL C 131 -22.00 -28.47 -9.58
CA VAL C 131 -23.06 -28.24 -10.56
C VAL C 131 -23.28 -29.42 -11.52
N GLN C 132 -22.19 -29.97 -12.06
CA GLN C 132 -22.28 -31.09 -13.02
C GLN C 132 -22.50 -32.45 -12.39
N GLN C 133 -22.50 -32.53 -11.06
CA GLN C 133 -22.69 -33.82 -10.41
C GLN C 133 -24.16 -34.18 -10.30
N ASP C 134 -24.44 -35.48 -10.26
CA ASP C 134 -25.80 -35.98 -10.13
C ASP C 134 -26.44 -35.52 -8.83
N TYR C 135 -25.66 -35.58 -7.75
CA TYR C 135 -26.13 -35.17 -6.43
C TYR C 135 -26.36 -33.67 -6.32
N PHE C 136 -26.76 -33.03 -7.41
CA PHE C 136 -27.00 -31.59 -7.37
C PHE C 136 -28.44 -31.33 -7.75
N PRO C 137 -29.26 -30.89 -6.78
CA PRO C 137 -30.68 -30.59 -7.00
C PRO C 137 -30.94 -29.86 -8.32
N LYS C 138 -31.73 -30.48 -9.19
CA LYS C 138 -32.05 -29.89 -10.49
C LYS C 138 -32.69 -28.52 -10.29
N ALA C 139 -32.98 -28.20 -9.03
CA ALA C 139 -33.58 -26.94 -8.64
C ALA C 139 -32.73 -25.71 -8.94
N LEU C 140 -31.51 -25.72 -8.42
CA LEU C 140 -30.56 -24.62 -8.55
C LEU C 140 -30.00 -24.39 -9.94
N ALA C 141 -29.95 -25.44 -10.76
CA ALA C 141 -29.44 -25.31 -12.12
C ALA C 141 -29.93 -23.99 -12.70
N PRO C 142 -31.23 -23.69 -12.60
CA PRO C 142 -31.70 -22.43 -13.15
C PRO C 142 -31.68 -21.27 -12.15
N LEU C 143 -31.49 -21.57 -10.86
CA LEU C 143 -31.42 -20.54 -9.84
C LEU C 143 -30.04 -19.90 -9.96
N LEU C 144 -29.04 -20.76 -9.87
CA LEU C 144 -27.66 -20.33 -9.97
C LEU C 144 -27.46 -19.46 -11.22
N LEU C 145 -27.80 -20.01 -12.39
CA LEU C 145 -27.64 -19.29 -13.66
C LEU C 145 -28.37 -17.96 -13.68
N ALA C 146 -29.66 -17.98 -13.39
CA ALA C 146 -30.45 -16.76 -13.38
C ALA C 146 -30.09 -15.92 -12.15
N PHE C 147 -28.91 -16.18 -11.60
CA PHE C 147 -28.44 -15.48 -10.40
C PHE C 147 -27.19 -14.65 -10.70
N VAL C 148 -26.37 -15.13 -11.63
CA VAL C 148 -25.19 -14.39 -12.04
C VAL C 148 -25.70 -13.75 -13.32
N THR C 149 -26.86 -13.12 -13.19
CA THR C 149 -27.51 -12.51 -14.32
C THR C 149 -28.04 -11.15 -13.89
N LYS C 150 -28.22 -10.98 -12.58
CA LYS C 150 -28.69 -9.71 -12.09
C LYS C 150 -27.59 -8.73 -12.45
N PRO C 151 -27.95 -7.48 -12.73
CA PRO C 151 -26.89 -6.54 -13.09
C PRO C 151 -25.73 -6.41 -12.11
N ASN C 152 -25.99 -6.52 -10.82
CA ASN C 152 -24.93 -6.38 -9.83
C ASN C 152 -23.92 -7.51 -9.95
N SER C 153 -24.16 -8.41 -10.89
CA SER C 153 -23.27 -9.54 -11.10
C SER C 153 -22.89 -9.68 -12.56
N ALA C 154 -23.67 -9.09 -13.45
CA ALA C 154 -23.37 -9.17 -14.87
C ALA C 154 -22.74 -7.89 -15.37
N LEU C 155 -23.32 -6.77 -14.98
CA LEU C 155 -22.80 -5.45 -15.36
C LEU C 155 -21.36 -5.32 -14.92
N GLU C 156 -20.46 -5.28 -15.88
CA GLU C 156 -19.01 -5.18 -15.62
C GLU C 156 -18.66 -3.68 -15.64
N SER C 157 -18.09 -3.15 -14.62
CA SER C 157 -17.81 -1.69 -14.60
C SER C 157 -16.63 -1.10 -15.36
N SER C 158 -15.43 -1.16 -14.79
CA SER C 158 -14.24 -0.56 -15.40
C SER C 158 -13.66 -1.34 -16.56
N SER C 159 -14.04 -2.60 -16.71
CA SER C 159 -13.53 -3.42 -17.81
C SER C 159 -14.28 -2.99 -19.07
N PHE C 160 -15.14 -2.00 -18.88
CA PHE C 160 -15.95 -1.43 -19.93
C PHE C 160 -15.33 -0.10 -20.23
N ALA C 161 -15.00 0.62 -19.17
CA ALA C 161 -14.36 1.90 -19.29
C ALA C 161 -13.13 1.60 -20.13
N ARG C 162 -12.28 0.72 -19.59
CA ARG C 162 -11.05 0.31 -20.25
C ARG C 162 -11.20 0.07 -21.75
N HIS C 163 -12.22 -0.66 -22.15
CA HIS C 163 -12.43 -0.95 -23.57
C HIS C 163 -12.83 0.28 -24.38
N SER C 164 -13.73 1.09 -23.84
CA SER C 164 -14.18 2.28 -24.53
C SER C 164 -12.97 3.16 -24.83
N LEU C 165 -12.01 3.10 -23.92
CA LEU C 165 -10.79 3.88 -24.04
C LEU C 165 -9.97 3.32 -25.20
N LEU C 166 -9.57 2.06 -25.10
CA LEU C 166 -8.81 1.43 -26.16
C LEU C 166 -9.42 1.78 -27.51
N GLN C 167 -10.74 1.58 -27.63
CA GLN C 167 -11.46 1.85 -28.87
C GLN C 167 -10.89 3.08 -29.54
N THR C 168 -10.77 4.15 -28.76
CA THR C 168 -10.27 5.41 -29.27
C THR C 168 -8.75 5.45 -29.43
N LEU C 169 -8.00 4.80 -28.55
CA LEU C 169 -6.54 4.81 -28.67
C LEU C 169 -6.16 4.34 -30.07
N TYR C 170 -6.98 3.46 -30.64
CA TYR C 170 -6.72 2.97 -31.98
C TYR C 170 -7.49 3.85 -32.93
N LYS C 171 -8.15 4.85 -32.34
CA LYS C 171 -8.96 5.83 -33.04
C LYS C 171 -9.85 5.20 -34.12
N VAL C 172 -11.10 4.97 -33.70
CA VAL C 172 -12.23 4.37 -34.41
C VAL C 172 -12.14 2.86 -34.30
#